data_4NQ0
#
_entry.id   4NQ0
#
_cell.length_a   48.308
_cell.length_b   78.280
_cell.length_c   82.689
_cell.angle_alpha   90.00
_cell.angle_beta   90.00
_cell.angle_gamma   90.00
#
_symmetry.space_group_name_H-M   'P 21 21 21'
#
loop_
_entity.id
_entity.type
_entity.pdbx_description
1 polymer 'HAT1-interacting factor 1'
2 water water
#
_entity_poly.entity_id   1
_entity_poly.type   'polypeptide(L)'
_entity_poly.pdbx_seq_one_letter_code
;MKLRAEDVLANGTSRHKVQIDMERQVQIAKDLLAQKKFLEAAKRCQQTLDSLPKDGLLPDPELFTIFAQAVYNMEVQNSG
NLFGDALLAGDDGSGSESESEPESDVSNGEEGNENGQTEIPNSRMFQFDQEEEDLTGDVDSGDSEDSGEGSEEEEENVEK
EEERLALHELANFSPANEHDDEIEDVSQLRKSGFHIYFENDLYENALDLLAQALMLLGRPTADGQSLTENSRLRIGDVYI
LMGDIEREAEMFSRAIHHYLKALGYYKTLKPAEQVTEKVIQAEFLVCDALRWVDQVPAKDKLKRFKHAKALLEKHMTTRP
KDSELQQARLAQIQDDIDEVQENQQHGSKRPLSQPTTSIGFPALEKPLGDFNDLSQLVKKKPRRHLEHHHHHH
;
_entity_poly.pdbx_strand_id   A
#
# COMPACT_ATOMS: atom_id res chain seq x y z
N THR A 13 -31.13 9.41 15.18
CA THR A 13 -30.01 10.11 15.84
C THR A 13 -29.21 10.93 14.84
N SER A 14 -28.31 11.76 15.38
CA SER A 14 -27.34 12.49 14.58
C SER A 14 -26.33 11.52 13.97
N ARG A 15 -25.91 10.52 14.77
CA ARG A 15 -24.90 9.55 14.37
C ARG A 15 -25.25 8.85 13.06
N HIS A 16 -26.51 8.46 12.91
CA HIS A 16 -26.95 7.84 11.65
C HIS A 16 -26.93 8.82 10.46
N LYS A 17 -27.45 10.03 10.68
CA LYS A 17 -27.43 11.09 9.67
C LYS A 17 -26.01 11.39 9.21
N VAL A 18 -25.10 11.52 10.18
CA VAL A 18 -23.69 11.73 9.87
C VAL A 18 -23.12 10.55 9.08
N GLN A 19 -23.44 9.33 9.53
CA GLN A 19 -22.97 8.12 8.86
C GLN A 19 -23.37 8.07 7.38
N ILE A 20 -24.65 8.29 7.13
CA ILE A 20 -25.20 8.25 5.76
C ILE A 20 -24.56 9.33 4.88
N ASP A 21 -24.41 10.55 5.41
CA ASP A 21 -23.76 11.63 4.68
C ASP A 21 -22.31 11.26 4.30
N MET A 22 -21.58 10.71 5.26
CA MET A 22 -20.19 10.28 5.06
C MET A 22 -20.06 9.23 3.96
N GLU A 23 -20.93 8.24 3.97
CA GLU A 23 -20.95 7.22 2.93
C GLU A 23 -21.20 7.83 1.54
N ARG A 24 -22.07 8.82 1.45
CA ARG A 24 -22.32 9.46 0.16
C ARG A 24 -21.07 10.23 -0.30
N GLN A 25 -20.43 10.92 0.63
CA GLN A 25 -19.21 11.68 0.31
C GLN A 25 -18.05 10.80 -0.17
N VAL A 26 -17.88 9.64 0.45
CA VAL A 26 -16.91 8.64 0.00
C VAL A 26 -17.18 8.23 -1.47
N GLN A 27 -18.44 7.93 -1.77
CA GLN A 27 -18.83 7.55 -3.14
C GLN A 27 -18.57 8.66 -4.16
N ILE A 28 -18.87 9.91 -3.77
CA ILE A 28 -18.61 11.05 -4.63
C ILE A 28 -17.10 11.21 -4.83
N ALA A 29 -16.34 11.13 -3.74
CA ALA A 29 -14.89 11.29 -3.78
C ALA A 29 -14.25 10.18 -4.62
N LYS A 30 -14.74 8.96 -4.42
CA LYS A 30 -14.32 7.79 -5.19
C LYS A 30 -14.56 8.02 -6.69
N ASP A 31 -15.75 8.51 -7.04
CA ASP A 31 -16.12 8.78 -8.42
C ASP A 31 -15.26 9.89 -9.02
N LEU A 32 -14.97 10.90 -8.21
CA LEU A 32 -14.12 12.02 -8.66
C LEU A 32 -12.69 11.56 -8.92
N LEU A 33 -12.21 10.63 -8.09
CA LEU A 33 -10.88 10.08 -8.26
C LEU A 33 -10.84 9.23 -9.54
N ALA A 34 -11.88 8.41 -9.74
CA ALA A 34 -12.05 7.63 -10.99
C ALA A 34 -12.08 8.52 -12.23
N GLN A 35 -12.63 9.72 -12.10
CA GLN A 35 -12.63 10.69 -13.19
C GLN A 35 -11.30 11.44 -13.31
N LYS A 36 -10.34 11.15 -12.45
CA LYS A 36 -9.03 11.83 -12.41
C LYS A 36 -9.14 13.30 -11.96
N LYS A 37 -10.20 13.64 -11.23
CA LYS A 37 -10.35 14.99 -10.68
C LYS A 37 -9.79 15.01 -9.26
N PHE A 38 -8.47 15.12 -9.18
CA PHE A 38 -7.72 14.81 -7.96
C PHE A 38 -7.84 15.85 -6.86
N LEU A 39 -7.67 17.11 -7.22
CA LEU A 39 -7.86 18.20 -6.27
C LEU A 39 -9.28 18.13 -5.70
N GLU A 40 -10.24 17.84 -6.58
CA GLU A 40 -11.64 17.83 -6.23
C GLU A 40 -12.01 16.65 -5.31
N ALA A 41 -11.45 15.48 -5.58
CA ALA A 41 -11.65 14.30 -4.72
C ALA A 41 -10.99 14.52 -3.35
N ALA A 42 -9.80 15.10 -3.35
CA ALA A 42 -9.10 15.41 -2.10
C ALA A 42 -9.86 16.43 -1.25
N LYS A 43 -10.28 17.53 -1.87
CA LYS A 43 -11.05 18.55 -1.15
C LYS A 43 -12.31 17.94 -0.56
N ARG A 44 -12.94 17.08 -1.32
CA ARG A 44 -14.16 16.43 -0.88
C ARG A 44 -13.91 15.63 0.40
N CYS A 45 -12.80 14.89 0.43
CA CYS A 45 -12.42 14.10 1.61
C CYS A 45 -12.05 15.02 2.75
N GLN A 46 -11.21 16.01 2.48
CA GLN A 46 -10.77 16.95 3.50
C GLN A 46 -11.94 17.64 4.21
N GLN A 47 -12.85 18.21 3.43
CA GLN A 47 -13.98 18.94 4.00
C GLN A 47 -14.93 18.01 4.75
N THR A 48 -15.12 16.80 4.24
CA THR A 48 -15.94 15.82 4.96
C THR A 48 -15.26 15.49 6.29
N LEU A 49 -13.95 15.25 6.27
CA LEU A 49 -13.22 14.89 7.49
C LEU A 49 -13.26 16.05 8.52
N ASP A 50 -13.13 17.30 8.07
CA ASP A 50 -13.10 18.45 8.98
C ASP A 50 -14.44 18.66 9.67
N SER A 51 -15.53 18.24 9.04
CA SER A 51 -16.86 18.50 9.58
C SER A 51 -17.46 17.31 10.33
N LEU A 52 -16.75 16.18 10.42
CA LEU A 52 -17.25 15.06 11.23
C LEU A 52 -17.15 15.45 12.71
N PRO A 53 -18.15 15.06 13.52
CA PRO A 53 -18.02 15.30 14.96
C PRO A 53 -16.82 14.58 15.56
N LYS A 54 -16.18 15.21 16.54
CA LYS A 54 -14.90 14.72 17.06
C LYS A 54 -15.02 13.55 18.05
N ASP A 55 -16.22 13.27 18.56
CA ASP A 55 -16.39 12.15 19.49
C ASP A 55 -17.40 11.09 19.03
N GLY A 56 -17.02 9.82 19.19
CA GLY A 56 -17.97 8.70 19.09
C GLY A 56 -18.32 8.18 17.71
N LEU A 57 -17.55 8.55 16.69
CA LEU A 57 -17.77 7.98 15.36
C LEU A 57 -16.49 7.89 14.55
N LEU A 58 -16.02 6.67 14.33
CA LEU A 58 -14.80 6.46 13.54
C LEU A 58 -15.10 6.71 12.07
N PRO A 59 -14.29 7.56 11.41
CA PRO A 59 -14.53 7.86 10.02
C PRO A 59 -14.20 6.67 9.13
N ASP A 60 -14.76 6.67 7.93
CA ASP A 60 -14.55 5.62 6.95
C ASP A 60 -13.09 5.68 6.50
N PRO A 61 -12.36 4.56 6.59
CA PRO A 61 -10.97 4.56 6.12
C PRO A 61 -10.80 4.98 4.65
N GLU A 62 -11.83 4.76 3.83
CA GLU A 62 -11.80 5.23 2.44
C GLU A 62 -11.61 6.73 2.29
N LEU A 63 -12.08 7.53 3.25
CA LEU A 63 -11.84 8.96 3.23
C LEU A 63 -10.34 9.25 3.25
N PHE A 64 -9.59 8.47 4.02
CA PHE A 64 -8.15 8.63 4.10
C PHE A 64 -7.44 8.08 2.87
N THR A 65 -7.88 6.92 2.39
CA THR A 65 -7.21 6.28 1.24
C THR A 65 -7.45 7.03 -0.07
N ILE A 66 -8.68 7.47 -0.30
CA ILE A 66 -8.99 8.31 -1.45
C ILE A 66 -8.23 9.64 -1.37
N PHE A 67 -8.25 10.27 -0.18
CA PHE A 67 -7.53 11.52 0.05
C PHE A 67 -6.05 11.33 -0.30
N ALA A 68 -5.46 10.25 0.18
CA ALA A 68 -4.05 9.98 -0.05
C ALA A 68 -3.75 9.80 -1.54
N GLN A 69 -4.54 8.97 -2.22
CA GLN A 69 -4.39 8.80 -3.66
C GLN A 69 -4.49 10.14 -4.38
N ALA A 70 -5.51 10.93 -4.02
CA ALA A 70 -5.77 12.20 -4.68
C ALA A 70 -4.55 13.10 -4.61
N VAL A 71 -4.01 13.24 -3.40
CA VAL A 71 -2.90 14.15 -3.16
C VAL A 71 -1.60 13.62 -3.77
N TYR A 72 -1.40 12.31 -3.72
CA TYR A 72 -0.26 11.69 -4.40
C TYR A 72 -0.27 12.04 -5.88
N ASN A 73 -1.40 11.82 -6.53
CA ASN A 73 -1.53 12.09 -7.96
C ASN A 73 -1.41 13.56 -8.35
N MET A 74 -1.74 14.45 -7.41
CA MET A 74 -1.53 15.88 -7.59
C MET A 74 -0.05 16.19 -7.69
N GLU A 75 0.76 15.52 -6.87
CA GLU A 75 2.20 15.75 -6.85
C GLU A 75 2.83 15.18 -8.12
N VAL A 76 2.40 13.98 -8.52
CA VAL A 76 2.86 13.37 -9.78
C VAL A 76 2.63 14.36 -10.92
N GLN A 77 1.40 14.85 -11.03
CA GLN A 77 1.03 15.87 -12.04
C GLN A 77 1.86 17.15 -11.93
N ASN A 78 2.24 17.54 -10.72
CA ASN A 78 3.11 18.71 -10.51
C ASN A 78 4.59 18.36 -10.68
N SER A 79 4.89 17.38 -11.54
CA SER A 79 6.25 16.88 -11.74
C SER A 79 6.36 16.03 -13.00
N LYS A 160 10.01 3.12 13.69
CA LYS A 160 10.93 4.24 13.48
C LYS A 160 11.85 3.92 12.29
N GLU A 161 13.02 3.33 12.58
CA GLU A 161 13.90 2.84 11.53
C GLU A 161 13.61 1.36 11.23
N GLU A 162 12.63 0.81 11.96
CA GLU A 162 12.00 -0.46 11.60
C GLU A 162 11.17 -0.35 10.30
N GLU A 163 10.92 0.87 9.84
CA GLU A 163 10.29 1.12 8.51
C GLU A 163 11.26 0.93 7.33
N ARG A 164 12.56 0.96 7.59
CA ARG A 164 13.55 0.68 6.56
C ARG A 164 13.67 -0.82 6.35
N LEU A 165 14.08 -1.20 5.14
CA LEU A 165 14.32 -2.59 4.81
C LEU A 165 15.47 -3.13 5.67
N ALA A 166 15.21 -4.26 6.32
CA ALA A 166 16.25 -5.09 6.90
C ALA A 166 16.58 -6.18 5.87
N LEU A 167 17.86 -6.42 5.63
CA LEU A 167 18.30 -7.48 4.72
C LEU A 167 17.57 -8.80 4.93
N HIS A 168 17.37 -9.20 6.19
CA HIS A 168 16.75 -10.47 6.50
C HIS A 168 15.30 -10.56 6.02
N GLU A 169 14.65 -9.41 5.83
CA GLU A 169 13.28 -9.37 5.35
C GLU A 169 13.09 -9.97 3.94
N LEU A 170 14.14 -9.90 3.13
CA LEU A 170 14.14 -10.49 1.79
C LEU A 170 14.16 -12.04 1.78
N ALA A 171 14.62 -12.63 2.88
CA ALA A 171 14.70 -14.09 2.99
C ALA A 171 13.46 -14.66 3.66
N ASN A 172 12.52 -13.79 4.03
CA ASN A 172 11.26 -14.20 4.65
C ASN A 172 10.12 -14.30 3.61
N PHE A 173 9.43 -15.44 3.60
CA PHE A 173 8.26 -15.64 2.74
C PHE A 173 7.03 -16.08 3.54
N SER A 174 7.07 -15.87 4.85
CA SER A 174 5.96 -16.23 5.71
C SER A 174 4.79 -15.24 5.57
N PRO A 175 3.59 -15.69 5.95
CA PRO A 175 2.45 -14.80 6.12
C PRO A 175 2.63 -13.85 7.31
N ALA A 176 1.89 -12.74 7.28
CA ALA A 176 1.93 -11.75 8.34
C ALA A 176 1.31 -12.35 9.60
N ASN A 177 2.04 -12.28 10.71
CA ASN A 177 1.53 -12.79 12.00
C ASN A 177 0.51 -11.84 12.64
N GLU A 178 -0.18 -12.36 13.66
CA GLU A 178 -1.22 -11.66 14.40
C GLU A 178 -0.94 -10.18 14.74
N HIS A 179 0.34 -9.81 14.92
CA HIS A 179 0.65 -8.43 15.32
C HIS A 179 1.49 -7.66 14.30
N ASP A 180 1.27 -6.35 14.28
CA ASP A 180 1.85 -5.43 13.32
C ASP A 180 2.13 -4.10 14.05
N ASP A 181 3.39 -3.83 14.33
CA ASP A 181 3.79 -2.67 15.15
C ASP A 181 3.56 -1.33 14.46
N GLU A 182 3.37 -1.35 13.15
CA GLU A 182 3.18 -0.14 12.36
C GLU A 182 1.73 0.36 12.40
N ILE A 183 0.80 -0.46 12.90
CA ILE A 183 -0.58 0.00 13.02
C ILE A 183 -0.72 0.79 14.33
N GLU A 184 -0.95 2.09 14.21
CA GLU A 184 -1.03 2.97 15.38
C GLU A 184 -2.36 2.80 16.08
N ASP A 185 -2.40 3.17 17.36
CA ASP A 185 -3.64 3.23 18.12
C ASP A 185 -4.52 4.33 17.57
N VAL A 186 -5.82 4.08 17.58
CA VAL A 186 -6.79 5.01 17.03
C VAL A 186 -6.84 6.34 17.81
N SER A 187 -6.22 6.39 18.99
CA SER A 187 -6.06 7.64 19.74
C SER A 187 -5.21 8.69 18.99
N GLN A 188 -4.40 8.25 18.03
CA GLN A 188 -3.51 9.16 17.30
C GLN A 188 -4.10 9.66 15.97
N LEU A 189 -5.39 9.37 15.76
CA LEU A 189 -6.13 9.78 14.56
C LEU A 189 -6.32 11.29 14.54
N ARG A 190 -6.07 11.93 13.40
CA ARG A 190 -6.34 13.36 13.26
C ARG A 190 -7.84 13.60 13.32
N LYS A 191 -8.25 14.61 14.10
CA LYS A 191 -9.65 14.95 14.26
C LYS A 191 -10.01 16.25 13.53
N SER A 192 -9.03 17.11 13.28
CA SER A 192 -9.29 18.36 12.57
C SER A 192 -8.04 18.92 11.91
N GLY A 193 -8.22 19.98 11.13
CA GLY A 193 -7.11 20.61 10.42
C GLY A 193 -6.61 19.83 9.21
N PHE A 194 -7.50 19.10 8.54
CA PHE A 194 -7.13 18.29 7.36
C PHE A 194 -6.67 19.09 6.14
N HIS A 195 -6.84 20.40 6.17
CA HIS A 195 -6.29 21.28 5.14
C HIS A 195 -4.75 21.20 5.11
N ILE A 196 -4.15 20.75 6.21
CA ILE A 196 -2.69 20.61 6.31
C ILE A 196 -2.10 19.71 5.21
N TYR A 197 -2.91 18.77 4.72
CA TYR A 197 -2.44 17.79 3.73
C TYR A 197 -2.38 18.34 2.29
N PHE A 198 -2.78 19.59 2.10
CA PHE A 198 -2.53 20.29 0.83
C PHE A 198 -1.24 21.11 0.89
N GLU A 199 -0.61 21.16 2.06
CA GLU A 199 0.54 22.03 2.30
C GLU A 199 1.83 21.23 2.29
N ASN A 200 2.94 21.91 2.02
CA ASN A 200 4.28 21.33 2.12
C ASN A 200 4.45 20.06 1.27
N ASP A 201 4.93 18.98 1.87
CA ASP A 201 5.31 17.80 1.11
C ASP A 201 4.10 16.87 0.95
N LEU A 202 3.58 16.80 -0.26
CA LEU A 202 2.37 16.02 -0.55
C LEU A 202 2.62 14.51 -0.44
N TYR A 203 3.80 14.05 -0.86
CA TYR A 203 4.16 12.64 -0.65
C TYR A 203 4.08 12.28 0.83
N GLU A 204 4.70 13.10 1.67
CA GLU A 204 4.69 12.90 3.10
C GLU A 204 3.24 12.89 3.59
N ASN A 205 2.46 13.86 3.10
CA ASN A 205 1.04 13.98 3.48
C ASN A 205 0.23 12.73 3.14
N ALA A 206 0.39 12.24 1.92
CA ALA A 206 -0.34 11.03 1.48
C ALA A 206 -0.01 9.83 2.37
N LEU A 207 1.28 9.68 2.69
CA LEU A 207 1.76 8.60 3.57
C LEU A 207 1.15 8.69 4.98
N ASP A 208 1.04 9.90 5.52
CA ASP A 208 0.45 10.10 6.85
C ASP A 208 -1.04 9.76 6.82
N LEU A 209 -1.71 10.12 5.73
CA LEU A 209 -3.12 9.77 5.56
C LEU A 209 -3.31 8.26 5.48
N LEU A 210 -2.40 7.57 4.81
CA LEU A 210 -2.44 6.11 4.75
C LEU A 210 -2.12 5.47 6.10
N ALA A 211 -1.20 6.07 6.89
CA ALA A 211 -0.91 5.56 8.24
C ALA A 211 -2.22 5.51 9.03
N GLN A 212 -3.04 6.54 8.84
CA GLN A 212 -4.34 6.59 9.50
C GLN A 212 -5.36 5.61 8.90
N ALA A 213 -5.30 5.36 7.60
CA ALA A 213 -6.11 4.27 7.01
C ALA A 213 -5.80 2.93 7.68
N LEU A 214 -4.51 2.66 7.86
CA LEU A 214 -4.04 1.43 8.51
C LEU A 214 -4.58 1.34 9.91
N MET A 215 -4.43 2.43 10.64
CA MET A 215 -4.93 2.56 12.00
C MET A 215 -6.38 2.14 12.07
N LEU A 216 -7.19 2.67 11.15
CA LEU A 216 -8.64 2.41 11.15
C LEU A 216 -8.98 0.97 10.75
N LEU A 217 -8.37 0.50 9.65
CA LEU A 217 -8.56 -0.86 9.16
C LEU A 217 -8.08 -1.91 10.16
N GLY A 218 -6.97 -1.62 10.83
CA GLY A 218 -6.35 -2.55 11.78
C GLY A 218 -6.88 -2.51 13.22
N ARG A 219 -7.70 -1.51 13.53
CA ARG A 219 -8.36 -1.40 14.84
C ARG A 219 -8.89 -2.77 15.28
N PRO A 220 -8.46 -3.26 16.46
CA PRO A 220 -9.03 -4.52 16.95
C PRO A 220 -10.53 -4.37 17.20
N THR A 221 -11.31 -5.36 16.76
CA THR A 221 -12.77 -5.31 16.93
C THR A 221 -13.20 -5.70 18.34
N ALA A 222 -14.35 -5.18 18.75
CA ALA A 222 -14.91 -5.42 20.08
C ALA A 222 -15.18 -6.90 20.37
N ASP A 223 -15.52 -7.66 19.34
CA ASP A 223 -15.86 -9.08 19.52
C ASP A 223 -14.66 -9.95 19.94
N GLY A 224 -13.50 -9.33 20.13
CA GLY A 224 -12.31 -10.05 20.58
C GLY A 224 -11.64 -10.92 19.53
N GLN A 225 -12.31 -11.12 18.40
CA GLN A 225 -11.77 -11.94 17.32
C GLN A 225 -10.68 -11.17 16.58
N SER A 226 -9.99 -11.86 15.67
CA SER A 226 -8.87 -11.28 14.94
C SER A 226 -9.36 -10.58 13.67
N LEU A 227 -8.46 -9.83 13.02
CA LEU A 227 -8.82 -9.04 11.84
C LEU A 227 -9.48 -9.88 10.75
N THR A 228 -10.49 -9.32 10.10
CA THR A 228 -11.25 -10.05 9.10
C THR A 228 -10.46 -10.18 7.79
N GLU A 229 -10.96 -11.02 6.89
CA GLU A 229 -10.36 -11.20 5.57
C GLU A 229 -10.36 -9.88 4.78
N ASN A 230 -11.49 -9.19 4.80
CA ASN A 230 -11.63 -7.91 4.14
C ASN A 230 -10.62 -6.88 4.66
N SER A 231 -10.46 -6.82 5.98
CA SER A 231 -9.53 -5.86 6.61
C SER A 231 -8.08 -6.15 6.20
N ARG A 232 -7.67 -7.40 6.36
CA ARG A 232 -6.32 -7.83 5.96
C ARG A 232 -6.03 -7.62 4.47
N LEU A 233 -7.02 -7.85 3.62
CA LEU A 233 -6.90 -7.55 2.19
C LEU A 233 -6.65 -6.07 1.97
N ARG A 234 -7.48 -5.24 2.60
CA ARG A 234 -7.41 -3.80 2.44
C ARG A 234 -6.13 -3.22 3.02
N ILE A 235 -5.67 -3.80 4.12
CA ILE A 235 -4.40 -3.41 4.70
C ILE A 235 -3.26 -3.67 3.72
N GLY A 236 -3.27 -4.85 3.10
CA GLY A 236 -2.29 -5.17 2.05
C GLY A 236 -2.29 -4.13 0.95
N ASP A 237 -3.49 -3.79 0.48
CA ASP A 237 -3.69 -2.75 -0.56
C ASP A 237 -3.10 -1.42 -0.12
N VAL A 238 -3.28 -1.08 1.16
CA VAL A 238 -2.73 0.17 1.68
C VAL A 238 -1.20 0.15 1.65
N TYR A 239 -0.62 -1.00 2.00
CA TYR A 239 0.84 -1.12 2.03
C TYR A 239 1.41 -1.00 0.61
N ILE A 240 0.73 -1.58 -0.37
CA ILE A 240 1.14 -1.41 -1.77
C ILE A 240 1.12 0.07 -2.16
N LEU A 241 0.06 0.79 -1.81
CA LEU A 241 -0.02 2.22 -2.11
C LEU A 241 1.09 2.99 -1.42
N MET A 242 1.31 2.71 -0.14
CA MET A 242 2.43 3.32 0.59
C MET A 242 3.74 3.07 -0.15
N GLY A 243 3.94 1.82 -0.59
CA GLY A 243 5.14 1.49 -1.34
C GLY A 243 5.27 2.26 -2.63
N ASP A 244 4.18 2.32 -3.40
CA ASP A 244 4.19 3.06 -4.67
C ASP A 244 4.59 4.50 -4.45
N ILE A 245 4.00 5.15 -3.45
CA ILE A 245 4.32 6.55 -3.15
C ILE A 245 5.78 6.71 -2.74
N GLU A 246 6.25 5.85 -1.84
CA GLU A 246 7.64 5.90 -1.38
C GLU A 246 8.60 5.66 -2.54
N ARG A 247 8.27 4.72 -3.42
CA ARG A 247 9.05 4.50 -4.64
C ARG A 247 9.11 5.77 -5.49
N GLU A 248 7.96 6.38 -5.73
CA GLU A 248 7.90 7.63 -6.46
C GLU A 248 8.74 8.71 -5.78
N ALA A 249 8.74 8.73 -4.45
CA ALA A 249 9.51 9.72 -3.69
C ALA A 249 10.99 9.32 -3.50
N GLU A 250 11.40 8.25 -4.17
CA GLU A 250 12.77 7.72 -4.14
C GLU A 250 13.22 7.16 -2.79
N MET A 251 12.27 6.82 -1.93
CA MET A 251 12.55 6.12 -0.69
C MET A 251 12.41 4.62 -0.94
N PHE A 252 13.37 4.06 -1.67
CA PHE A 252 13.30 2.68 -2.13
C PHE A 252 13.36 1.63 -1.02
N SER A 253 14.11 1.91 0.04
CA SER A 253 14.21 0.95 1.15
C SER A 253 12.87 0.85 1.89
N ARG A 254 12.24 1.99 2.14
CA ARG A 254 10.93 2.02 2.76
C ARG A 254 9.89 1.38 1.85
N ALA A 255 9.98 1.68 0.55
CA ALA A 255 9.08 1.08 -0.43
C ALA A 255 9.11 -0.43 -0.34
N ILE A 256 10.30 -1.01 -0.44
CA ILE A 256 10.44 -2.46 -0.50
C ILE A 256 9.89 -3.07 0.78
N HIS A 257 10.18 -2.43 1.90
CA HIS A 257 9.68 -2.91 3.19
C HIS A 257 8.16 -2.98 3.21
N HIS A 258 7.50 -1.97 2.63
CA HIS A 258 6.03 -1.96 2.59
C HIS A 258 5.44 -2.96 1.61
N TYR A 259 6.07 -3.10 0.44
CA TYR A 259 5.66 -4.16 -0.50
C TYR A 259 5.74 -5.56 0.14
N LEU A 260 6.81 -5.80 0.90
CA LEU A 260 6.94 -7.04 1.65
C LEU A 260 5.89 -7.22 2.74
N LYS A 261 5.49 -6.12 3.39
CA LYS A 261 4.40 -6.16 4.36
C LYS A 261 3.10 -6.50 3.67
N ALA A 262 2.85 -5.91 2.50
CA ALA A 262 1.63 -6.16 1.75
C ALA A 262 1.57 -7.64 1.38
N LEU A 263 2.69 -8.14 0.88
CA LEU A 263 2.82 -9.54 0.49
C LEU A 263 2.49 -10.46 1.67
N GLY A 264 3.02 -10.16 2.84
CA GLY A 264 2.67 -10.92 4.05
C GLY A 264 1.17 -10.93 4.35
N TYR A 265 0.50 -9.80 4.13
CA TYR A 265 -0.94 -9.72 4.40
C TYR A 265 -1.74 -10.54 3.39
N TYR A 266 -1.36 -10.46 2.13
CA TYR A 266 -2.06 -11.23 1.10
C TYR A 266 -1.92 -12.73 1.36
N LYS A 267 -0.81 -13.14 1.94
CA LYS A 267 -0.57 -14.55 2.26
C LYS A 267 -1.38 -15.10 3.43
N THR A 268 -2.04 -14.24 4.20
CA THR A 268 -2.98 -14.70 5.23
C THR A 268 -4.35 -14.96 4.64
N LEU A 269 -4.54 -14.59 3.37
CA LEU A 269 -5.86 -14.64 2.73
C LEU A 269 -6.14 -16.03 2.22
N LYS A 270 -7.40 -16.43 2.32
CA LYS A 270 -7.89 -17.66 1.70
C LYS A 270 -7.56 -17.67 0.22
N PRO A 271 -6.89 -18.75 -0.25
CA PRO A 271 -6.43 -18.84 -1.63
C PRO A 271 -7.53 -18.56 -2.64
N ALA A 272 -7.20 -17.83 -3.70
CA ALA A 272 -8.13 -17.50 -4.77
C ALA A 272 -7.38 -16.88 -5.93
N GLU A 273 -8.06 -16.75 -7.06
CA GLU A 273 -7.48 -16.18 -8.28
C GLU A 273 -7.02 -14.73 -8.06
N GLN A 274 -7.86 -13.95 -7.40
CA GLN A 274 -7.57 -12.53 -7.14
C GLN A 274 -6.48 -12.35 -6.09
N VAL A 275 -6.40 -13.30 -5.17
CA VAL A 275 -5.37 -13.30 -4.13
C VAL A 275 -4.02 -13.61 -4.78
N THR A 276 -4.03 -14.58 -5.69
CA THR A 276 -2.83 -14.95 -6.43
C THR A 276 -2.32 -13.79 -7.27
N GLU A 277 -3.22 -13.02 -7.89
CA GLU A 277 -2.81 -11.85 -8.67
C GLU A 277 -2.10 -10.80 -7.82
N LYS A 278 -2.58 -10.59 -6.60
CA LYS A 278 -2.01 -9.59 -5.72
C LYS A 278 -0.66 -10.05 -5.17
N VAL A 279 -0.56 -11.33 -4.83
CA VAL A 279 0.70 -11.90 -4.39
C VAL A 279 1.76 -11.67 -5.47
N ILE A 280 1.44 -12.05 -6.70
CA ILE A 280 2.37 -11.95 -7.83
C ILE A 280 2.76 -10.49 -8.06
N GLN A 281 1.76 -9.61 -8.05
CA GLN A 281 2.02 -8.18 -8.18
C GLN A 281 3.00 -7.65 -7.13
N ALA A 282 2.78 -8.01 -5.87
CA ALA A 282 3.63 -7.58 -4.75
C ALA A 282 5.08 -8.10 -4.88
N GLU A 283 5.22 -9.37 -5.27
CA GLU A 283 6.54 -9.95 -5.53
C GLU A 283 7.28 -9.17 -6.60
N PHE A 284 6.59 -8.79 -7.67
CA PHE A 284 7.25 -8.03 -8.76
C PHE A 284 7.63 -6.62 -8.30
N LEU A 285 6.74 -5.98 -7.55
CA LEU A 285 7.03 -4.61 -7.09
C LEU A 285 8.24 -4.58 -6.16
N VAL A 286 8.38 -5.58 -5.31
CA VAL A 286 9.59 -5.77 -4.49
C VAL A 286 10.85 -5.75 -5.36
N CYS A 287 10.85 -6.56 -6.42
CA CYS A 287 11.99 -6.64 -7.35
C CYS A 287 12.26 -5.34 -8.09
N ASP A 288 11.20 -4.67 -8.50
CA ASP A 288 11.33 -3.42 -9.23
C ASP A 288 11.95 -2.32 -8.36
N ALA A 289 11.56 -2.26 -7.10
CA ALA A 289 12.15 -1.31 -6.16
C ALA A 289 13.58 -1.74 -5.80
N LEU A 290 13.77 -3.05 -5.60
CA LEU A 290 15.06 -3.63 -5.24
C LEU A 290 16.18 -3.31 -6.22
N ARG A 291 15.86 -3.14 -7.51
CA ARG A 291 16.92 -2.79 -8.47
C ARG A 291 17.56 -1.43 -8.19
N TRP A 292 16.82 -0.53 -7.53
CA TRP A 292 17.31 0.81 -7.27
C TRP A 292 17.95 1.02 -5.88
N VAL A 293 17.85 0.03 -5.01
CA VAL A 293 18.37 0.19 -3.66
C VAL A 293 19.86 -0.17 -3.65
N ASP A 294 20.69 0.82 -3.30
CA ASP A 294 22.15 0.64 -3.37
C ASP A 294 22.68 -0.26 -2.27
N GLN A 295 22.04 -0.21 -1.10
CA GLN A 295 22.59 -0.84 0.10
C GLN A 295 22.23 -2.31 0.35
N VAL A 296 21.56 -2.95 -0.61
CA VAL A 296 21.39 -4.40 -0.55
C VAL A 296 22.50 -5.03 -1.40
N PRO A 297 23.27 -5.96 -0.80
CA PRO A 297 24.32 -6.63 -1.58
C PRO A 297 23.74 -7.35 -2.80
N ALA A 298 24.52 -7.41 -3.87
CA ALA A 298 24.12 -8.08 -5.11
C ALA A 298 23.61 -9.48 -4.88
N LYS A 299 24.30 -10.22 -4.02
CA LYS A 299 23.92 -11.61 -3.76
C LYS A 299 22.47 -11.71 -3.26
N ASP A 300 22.10 -10.84 -2.32
CA ASP A 300 20.73 -10.81 -1.80
C ASP A 300 19.74 -10.38 -2.89
N LYS A 301 20.11 -9.42 -3.73
CA LYS A 301 19.25 -9.05 -4.85
C LYS A 301 18.97 -10.27 -5.72
N LEU A 302 20.03 -10.98 -6.11
CA LEU A 302 19.92 -12.10 -7.03
C LEU A 302 19.01 -13.19 -6.50
N LYS A 303 19.15 -13.50 -5.21
CA LYS A 303 18.31 -14.53 -4.60
C LYS A 303 16.83 -14.18 -4.64
N ARG A 304 16.50 -12.90 -4.42
CA ARG A 304 15.10 -12.46 -4.46
C ARG A 304 14.58 -12.43 -5.90
N PHE A 305 15.39 -11.93 -6.82
CA PHE A 305 14.99 -11.93 -8.22
C PHE A 305 14.69 -13.35 -8.72
N LYS A 306 15.54 -14.31 -8.38
CA LYS A 306 15.35 -15.68 -8.86
C LYS A 306 14.13 -16.32 -8.22
N HIS A 307 13.87 -15.98 -6.97
CA HIS A 307 12.65 -16.42 -6.31
C HIS A 307 11.41 -15.92 -7.07
N ALA A 308 11.41 -14.65 -7.46
CA ALA A 308 10.28 -14.03 -8.11
C ALA A 308 10.11 -14.59 -9.53
N LYS A 309 11.24 -14.76 -10.24
CA LYS A 309 11.25 -15.40 -11.56
C LYS A 309 10.60 -16.80 -11.53
N ALA A 310 10.98 -17.62 -10.56
CA ALA A 310 10.42 -18.97 -10.43
C ALA A 310 8.93 -18.92 -10.19
N LEU A 311 8.51 -18.01 -9.33
CA LEU A 311 7.11 -17.85 -9.01
C LEU A 311 6.28 -17.46 -10.24
N LEU A 312 6.77 -16.47 -11.00
CA LEU A 312 6.08 -15.97 -12.18
C LEU A 312 6.09 -17.00 -13.31
N GLU A 313 7.21 -17.72 -13.44
CA GLU A 313 7.28 -18.80 -14.41
C GLU A 313 6.20 -19.83 -14.11
N LYS A 314 6.07 -20.21 -12.84
CA LYS A 314 5.07 -21.19 -12.43
C LYS A 314 3.65 -20.72 -12.71
N HIS A 315 3.41 -19.43 -12.43
CA HIS A 315 2.13 -18.81 -12.70
C HIS A 315 1.77 -18.84 -14.21
N MET A 316 2.77 -18.64 -15.05
CA MET A 316 2.59 -18.61 -16.49
C MET A 316 2.15 -19.96 -17.06
N THR A 317 2.57 -21.04 -16.41
CA THR A 317 2.17 -22.38 -16.83
C THR A 317 0.66 -22.61 -16.65
N THR A 318 -0.01 -21.77 -15.85
CA THR A 318 -1.47 -21.84 -15.70
C THR A 318 -2.21 -21.05 -16.79
N ARG A 319 -1.48 -20.44 -17.71
CA ARG A 319 -2.08 -19.66 -18.80
C ARG A 319 -3.10 -18.64 -18.27
N PRO A 320 -2.62 -17.68 -17.44
CA PRO A 320 -3.50 -16.72 -16.79
C PRO A 320 -4.07 -15.69 -17.74
N LYS A 321 -5.19 -15.09 -17.34
CA LYS A 321 -5.88 -14.07 -18.13
C LYS A 321 -4.95 -13.06 -18.81
N ASP A 322 -4.17 -12.32 -18.02
CA ASP A 322 -3.32 -11.26 -18.56
C ASP A 322 -1.87 -11.74 -18.69
N SER A 323 -1.68 -12.74 -19.53
CA SER A 323 -0.37 -13.33 -19.78
C SER A 323 0.66 -12.34 -20.30
N GLU A 324 0.24 -11.34 -21.07
CA GLU A 324 1.18 -10.36 -21.62
C GLU A 324 1.79 -9.47 -20.51
N LEU A 325 0.98 -9.10 -19.53
CA LEU A 325 1.47 -8.36 -18.38
C LEU A 325 2.48 -9.21 -17.60
N GLN A 326 2.12 -10.46 -17.35
CA GLN A 326 2.98 -11.36 -16.59
C GLN A 326 4.27 -11.66 -17.38
N GLN A 327 4.15 -11.78 -18.69
CA GLN A 327 5.33 -11.94 -19.55
C GLN A 327 6.24 -10.71 -19.47
N ALA A 328 5.64 -9.52 -19.50
CA ALA A 328 6.38 -8.27 -19.34
C ALA A 328 7.13 -8.24 -18.00
N ARG A 329 6.43 -8.54 -16.91
CA ARG A 329 7.06 -8.59 -15.57
C ARG A 329 8.24 -9.56 -15.53
N LEU A 330 8.04 -10.74 -16.11
CA LEU A 330 9.05 -11.78 -16.14
C LEU A 330 10.29 -11.32 -16.91
N ALA A 331 10.06 -10.70 -18.07
CA ALA A 331 11.13 -10.09 -18.87
C ALA A 331 11.92 -9.05 -18.08
N GLN A 332 11.22 -8.21 -17.33
CA GLN A 332 11.86 -7.20 -16.50
C GLN A 332 12.71 -7.82 -15.39
N ILE A 333 12.19 -8.87 -14.77
CA ILE A 333 12.93 -9.57 -13.71
C ILE A 333 14.22 -10.14 -14.27
N GLN A 334 14.19 -10.63 -15.51
CA GLN A 334 15.39 -11.13 -16.15
C GLN A 334 16.38 -9.98 -16.40
N ASP A 335 15.87 -8.82 -16.79
CA ASP A 335 16.74 -7.63 -16.93
C ASP A 335 17.39 -7.31 -15.58
N ASP A 336 16.60 -7.40 -14.51
CA ASP A 336 17.12 -7.11 -13.17
C ASP A 336 18.29 -8.05 -12.81
N ILE A 337 18.11 -9.33 -13.12
CA ILE A 337 19.15 -10.34 -12.88
C ILE A 337 20.39 -10.00 -13.71
N ASP A 338 20.21 -9.78 -15.01
CA ASP A 338 21.32 -9.37 -15.89
C ASP A 338 22.09 -8.17 -15.33
N GLU A 339 21.37 -7.08 -15.04
CA GLU A 339 21.99 -5.88 -14.48
C GLU A 339 22.90 -6.18 -13.28
N VAL A 340 22.40 -6.93 -12.31
CA VAL A 340 23.18 -7.25 -11.13
C VAL A 340 24.34 -8.20 -11.43
N GLN A 341 24.08 -9.25 -12.20
CA GLN A 341 25.14 -10.21 -12.52
C GLN A 341 26.32 -9.56 -13.26
N GLU A 342 26.03 -8.60 -14.14
CA GLU A 342 27.06 -7.97 -14.97
C GLU A 342 27.76 -6.78 -14.32
N ASN A 343 27.03 -5.95 -13.58
CA ASN A 343 27.59 -4.71 -13.05
C ASN A 343 27.87 -4.73 -11.56
N GLN A 344 26.89 -5.14 -10.77
CA GLN A 344 26.95 -4.99 -9.32
C GLN A 344 27.74 -6.08 -8.58
N GLN A 345 27.71 -7.31 -9.07
CA GLN A 345 28.24 -8.44 -8.28
C GLN A 345 29.77 -8.48 -8.17
N HIS A 346 30.47 -8.21 -9.26
CA HIS A 346 31.95 -8.22 -9.30
C HIS A 346 32.52 -6.91 -9.85
#